data_7P99
#
_entry.id   7P99
#
_cell.length_a   50.709
_cell.length_b   69.884
_cell.length_c   53.643
_cell.angle_alpha   90.000
_cell.angle_beta   90.660
_cell.angle_gamma   90.000
#
_symmetry.space_group_name_H-M   'P 1 21 1'
#
loop_
_entity.id
_entity.type
_entity.pdbx_description
1 polymer 'SUMO-specific isopeptidase USPL1'
2 polymer 'Small ubiquitin-related modifier'
3 non-polymer 'ZINC ION'
4 water water
#
loop_
_entity_poly.entity_id
_entity_poly.type
_entity_poly.pdbx_seq_one_letter_code
_entity_poly.pdbx_strand_id
1 'polypeptide(L)'
;MGSSHHHHHHSSGLVPRGSHMASMTGGQQMGRGSPLESKCTSFPQALCVQWKNAYALCWLDCILSALVHSEELKNTVTGL
CSKEESIFWRLLTKYNQANTLLYTSQLSGVKDGDCKKLTSEIFAEIETCLNEVRDEIFISLQPQLRCTLGDMESPVFAFP
LLLKLETHIEKLFLYSFSWDFECSQCGHQYQNRHMKSLVTFTNVIPEWHPLNAAHFGPCNNCNSKSQIRKMVLEKVSPIF
MLHFVEGLPQNDLQHYAFHFEGCLYQITSVIQYRANNHFITWILDADGSWLECDDLKGPCSERHKKFEVPASEIHIVIWE
RKISQVTDKEAACLPLKK
;
A
2 'polypeptide(L)'
;MGSSHHHHHHSSGLVPRGSHNDHINLKVAGQDGSVVQFKIKRHTPLSKLMKAYSERQGLSMRQIRFRFDGQPINETDTPA
QLEMEDEDTIDVFQQQTGAVY
;
C
#
loop_
_chem_comp.id
_chem_comp.type
_chem_comp.name
_chem_comp.formula
ZN non-polymer 'ZINC ION' 'Zn 2'
#
# COMPACT_ATOMS: atom_id res chain seq x y z
N LEU A 47 19.85 17.00 -3.55
CA LEU A 47 20.85 16.02 -3.16
C LEU A 47 20.21 14.67 -2.89
N CYS A 48 18.96 14.52 -3.33
CA CYS A 48 18.20 13.28 -3.18
C CYS A 48 17.65 12.92 -4.55
N VAL A 49 18.25 11.91 -5.19
CA VAL A 49 17.87 11.53 -6.56
C VAL A 49 16.57 10.75 -6.52
N GLN A 50 15.82 10.77 -7.63
CA GLN A 50 14.57 10.01 -7.69
C GLN A 50 14.32 9.53 -9.12
N TRP A 51 13.33 8.65 -9.23
CA TRP A 51 12.95 8.10 -10.53
C TRP A 51 12.15 9.12 -11.32
N LYS A 52 12.41 9.18 -12.62
CA LYS A 52 11.62 9.99 -13.54
C LYS A 52 10.43 9.17 -14.05
N ASN A 53 9.33 9.87 -14.35
CA ASN A 53 8.13 9.19 -14.79
C ASN A 53 8.40 8.34 -16.02
N ALA A 54 7.77 7.17 -16.07
CA ALA A 54 7.77 6.31 -17.24
C ALA A 54 6.37 5.71 -17.33
N TYR A 55 5.60 6.13 -18.35
CA TYR A 55 4.23 5.64 -18.54
C TYR A 55 3.48 5.80 -17.22
N ALA A 56 2.80 4.76 -16.74
CA ALA A 56 1.95 4.86 -15.57
C ALA A 56 2.66 4.50 -14.28
N LEU A 57 3.99 4.41 -14.27
CA LEU A 57 4.67 3.75 -13.16
C LEU A 57 4.78 4.58 -11.86
N CYS A 58 4.07 5.72 -11.68
CA CYS A 58 4.16 6.40 -10.38
C CYS A 58 3.71 5.48 -9.21
N TRP A 59 2.88 4.46 -9.48
CA TRP A 59 2.45 3.55 -8.42
C TRP A 59 3.61 2.73 -7.89
N LEU A 60 4.61 2.46 -8.74
CA LEU A 60 5.84 1.79 -8.33
C LEU A 60 6.87 2.78 -7.82
N ASP A 61 7.01 3.93 -8.49
CA ASP A 61 7.99 4.94 -8.07
C ASP A 61 7.79 5.33 -6.62
N CYS A 62 6.54 5.50 -6.20
CA CYS A 62 6.30 5.94 -4.83
C CYS A 62 6.76 4.88 -3.83
N ILE A 63 6.61 3.59 -4.18
CA ILE A 63 7.09 2.51 -3.31
C ILE A 63 8.61 2.51 -3.27
N LEU A 64 9.26 2.63 -4.43
CA LEU A 64 10.72 2.56 -4.44
C LEU A 64 11.34 3.69 -3.61
N SER A 65 10.76 4.90 -3.70
CA SER A 65 11.30 6.01 -2.93
C SER A 65 11.11 5.78 -1.43
N ALA A 66 9.97 5.23 -1.04
CA ALA A 66 9.74 4.90 0.37
C ALA A 66 10.78 3.90 0.84
N LEU A 67 11.07 2.89 0.03
CA LEU A 67 11.96 1.82 0.45
C LEU A 67 13.40 2.32 0.61
N VAL A 68 13.93 3.03 -0.39
CA VAL A 68 15.35 3.39 -0.31
C VAL A 68 15.65 4.45 0.74
N HIS A 69 14.62 5.07 1.33
CA HIS A 69 14.86 6.05 2.39
C HIS A 69 14.53 5.51 3.77
N SER A 70 14.24 4.21 3.89
CA SER A 70 13.90 3.62 5.18
C SER A 70 15.16 3.19 5.91
N GLU A 71 15.36 3.73 7.12
CA GLU A 71 16.55 3.37 7.89
C GLU A 71 16.54 1.91 8.31
N GLU A 72 15.39 1.38 8.76
CA GLU A 72 15.40 0.00 9.20
C GLU A 72 15.60 -0.97 8.03
N LEU A 73 15.06 -0.65 6.86
CA LEU A 73 15.32 -1.49 5.69
C LEU A 73 16.80 -1.52 5.35
N LYS A 74 17.45 -0.34 5.36
CA LYS A 74 18.86 -0.27 5.03
C LYS A 74 19.69 -1.14 5.96
N ASN A 75 19.46 -1.02 7.28
CA ASN A 75 20.30 -1.75 8.22
C ASN A 75 20.09 -3.25 8.09
N THR A 76 18.86 -3.69 7.80
CA THR A 76 18.62 -5.12 7.61
C THR A 76 19.28 -5.63 6.35
N VAL A 77 19.16 -4.88 5.24
CA VAL A 77 19.71 -5.32 3.97
C VAL A 77 21.21 -5.51 4.08
N THR A 78 21.91 -4.61 4.77
CA THR A 78 23.35 -4.75 4.89
C THR A 78 23.75 -5.94 5.74
N GLY A 79 22.83 -6.47 6.55
CA GLY A 79 23.15 -7.61 7.40
C GLY A 79 22.58 -8.91 6.90
N LEU A 80 22.27 -8.99 5.61
CA LEU A 80 21.69 -10.19 5.04
C LEU A 80 22.79 -11.18 4.68
N CYS A 81 22.53 -12.45 4.96
CA CYS A 81 23.26 -13.52 4.28
C CYS A 81 22.86 -13.51 2.81
N SER A 82 23.84 -13.69 1.93
CA SER A 82 23.63 -13.72 0.49
C SER A 82 23.02 -12.39 0.00
N LYS A 83 23.70 -11.29 0.35
CA LYS A 83 23.22 -9.95 0.03
C LYS A 83 22.93 -9.80 -1.46
N GLU A 84 23.92 -10.12 -2.30
CA GLU A 84 23.81 -9.89 -3.74
C GLU A 84 22.59 -10.58 -4.35
N GLU A 85 22.12 -11.66 -3.74
CA GLU A 85 20.97 -12.38 -4.27
C GLU A 85 19.65 -11.67 -3.98
N SER A 86 19.68 -10.58 -3.23
CA SER A 86 18.48 -9.91 -2.78
C SER A 86 18.12 -8.78 -3.74
N ILE A 87 16.87 -8.79 -4.22
CA ILE A 87 16.37 -7.70 -5.03
C ILE A 87 16.34 -6.40 -4.24
N PHE A 88 16.21 -6.48 -2.91
CA PHE A 88 16.24 -5.26 -2.12
C PHE A 88 17.66 -4.76 -1.89
N TRP A 89 18.63 -5.68 -1.79
CA TRP A 89 20.02 -5.25 -1.83
C TRP A 89 20.32 -4.54 -3.15
N ARG A 90 19.93 -5.15 -4.27
CA ARG A 90 20.20 -4.53 -5.56
C ARG A 90 19.52 -3.17 -5.68
N LEU A 91 18.28 -3.07 -5.21
CA LEU A 91 17.58 -1.78 -5.22
C LEU A 91 18.36 -0.71 -4.46
N LEU A 92 18.72 -1.00 -3.20
CA LEU A 92 19.38 0.02 -2.40
C LEU A 92 20.77 0.33 -2.92
N THR A 93 21.49 -0.69 -3.40
CA THR A 93 22.82 -0.47 -3.95
C THR A 93 22.77 0.40 -5.20
N LYS A 94 21.87 0.10 -6.13
CA LYS A 94 21.80 0.87 -7.37
C LYS A 94 21.30 2.28 -7.09
N TYR A 95 20.34 2.43 -6.18
CA TYR A 95 19.92 3.78 -5.80
C TYR A 95 21.07 4.58 -5.23
N ASN A 96 21.85 3.96 -4.33
CA ASN A 96 22.97 4.68 -3.70
C ASN A 96 24.01 5.11 -4.73
N GLN A 97 24.23 4.30 -5.77
CA GLN A 97 25.18 4.68 -6.81
C GLN A 97 24.66 5.87 -7.62
N ALA A 98 23.37 5.86 -7.95
CA ALA A 98 22.76 6.98 -8.65
C ALA A 98 22.79 8.23 -7.78
N ASN A 99 22.51 8.09 -6.49
CA ASN A 99 22.52 9.24 -5.59
C ASN A 99 23.91 9.83 -5.48
N THR A 100 24.92 8.98 -5.34
CA THR A 100 26.31 9.45 -5.30
C THR A 100 26.68 10.17 -6.59
N LEU A 101 26.27 9.62 -7.73
CA LEU A 101 26.46 10.30 -9.01
C LEU A 101 25.84 11.70 -9.00
N LEU A 102 24.65 11.84 -8.41
CA LEU A 102 24.00 13.15 -8.38
C LEU A 102 24.81 14.15 -7.57
N TYR A 103 25.36 13.71 -6.43
CA TYR A 103 26.25 14.58 -5.67
C TYR A 103 27.46 14.97 -6.48
N THR A 104 28.04 14.01 -7.22
CA THR A 104 29.14 14.30 -8.13
C THR A 104 28.75 15.39 -9.13
N SER A 105 27.48 15.41 -9.56
CA SER A 105 27.04 16.35 -10.58
C SER A 105 27.17 17.80 -10.14
N GLN A 106 27.01 18.07 -8.84
CA GLN A 106 27.22 19.42 -8.33
C GLN A 106 28.52 19.50 -7.54
N LEU A 118 30.87 16.28 -18.52
CA LEU A 118 30.48 15.11 -17.76
C LEU A 118 29.00 15.15 -17.37
N THR A 119 28.36 16.31 -17.56
CA THR A 119 26.96 16.44 -17.18
C THR A 119 26.08 15.43 -17.93
N SER A 120 26.15 15.43 -19.26
CA SER A 120 25.28 14.53 -20.03
C SER A 120 25.57 13.07 -19.70
N GLU A 121 26.83 12.73 -19.51
CA GLU A 121 27.18 11.35 -19.17
C GLU A 121 26.65 10.98 -17.78
N ILE A 122 26.77 11.88 -16.81
CA ILE A 122 26.30 11.57 -15.46
C ILE A 122 24.80 11.35 -15.45
N PHE A 123 24.05 12.21 -16.13
CA PHE A 123 22.60 12.05 -16.08
C PHE A 123 22.13 10.87 -16.91
N ALA A 124 22.88 10.51 -17.96
CA ALA A 124 22.59 9.26 -18.67
C ALA A 124 22.79 8.06 -17.76
N GLU A 125 23.89 8.05 -16.99
CA GLU A 125 24.18 6.93 -16.08
C GLU A 125 23.14 6.84 -14.98
N ILE A 126 22.72 7.98 -14.44
CA ILE A 126 21.70 7.98 -13.40
C ILE A 126 20.41 7.36 -13.93
N GLU A 127 19.98 7.78 -15.12
CA GLU A 127 18.74 7.25 -15.68
C GLU A 127 18.84 5.75 -15.93
N THR A 128 19.93 5.30 -16.56
CA THR A 128 20.05 3.87 -16.83
C THR A 128 20.10 3.08 -15.53
N CYS A 129 20.85 3.58 -14.55
CA CYS A 129 20.97 2.90 -13.26
C CYS A 129 19.61 2.75 -12.59
N LEU A 130 18.87 3.85 -12.47
CA LEU A 130 17.59 3.79 -11.79
C LEU A 130 16.57 3.01 -12.61
N ASN A 131 16.56 3.19 -13.93
CA ASN A 131 15.57 2.51 -14.75
C ASN A 131 15.76 1.00 -14.73
N GLU A 132 17.01 0.56 -14.62
CA GLU A 132 17.30 -0.88 -14.63
C GLU A 132 16.68 -1.57 -13.42
N VAL A 133 16.86 -0.99 -12.23
CA VAL A 133 16.34 -1.64 -11.04
C VAL A 133 14.83 -1.47 -10.94
N ARG A 134 14.28 -0.34 -11.43
CA ARG A 134 12.84 -0.24 -11.49
C ARG A 134 12.26 -1.30 -12.43
N ASP A 135 12.89 -1.49 -13.59
CA ASP A 135 12.37 -2.49 -14.52
C ASP A 135 12.47 -3.91 -13.94
N GLU A 136 13.56 -4.21 -13.22
CA GLU A 136 13.70 -5.54 -12.61
C GLU A 136 12.57 -5.80 -11.61
N ILE A 137 12.22 -4.80 -10.81
CA ILE A 137 11.15 -4.96 -9.84
C ILE A 137 9.80 -5.03 -10.54
N PHE A 138 9.57 -4.19 -11.56
CA PHE A 138 8.34 -4.29 -12.34
C PHE A 138 8.16 -5.69 -12.93
N ILE A 139 9.22 -6.23 -13.55
CA ILE A 139 9.09 -7.57 -14.15
C ILE A 139 8.83 -8.63 -13.09
N SER A 140 9.39 -8.47 -11.88
CA SER A 140 9.10 -9.38 -10.79
C SER A 140 7.63 -9.33 -10.37
N LEU A 141 7.01 -8.16 -10.44
CA LEU A 141 5.61 -8.01 -10.04
C LEU A 141 4.64 -8.31 -11.17
N GLN A 142 5.10 -8.21 -12.42
CA GLN A 142 4.20 -8.30 -13.57
C GLN A 142 3.39 -9.60 -13.63
N PRO A 143 3.93 -10.78 -13.35
CA PRO A 143 3.09 -11.98 -13.39
C PRO A 143 1.94 -11.94 -12.41
N GLN A 144 2.07 -11.19 -11.31
CA GLN A 144 1.02 -11.19 -10.30
C GLN A 144 0.03 -10.06 -10.48
N LEU A 145 0.47 -8.90 -10.99
CA LEU A 145 -0.45 -7.82 -11.29
C LEU A 145 -1.04 -7.91 -12.70
N ARG A 146 -0.42 -8.72 -13.57
CA ARG A 146 -0.84 -8.86 -14.96
C ARG A 146 -0.94 -7.50 -15.66
N CYS A 147 0.09 -6.68 -15.46
CA CYS A 147 0.07 -5.29 -15.88
C CYS A 147 1.08 -5.04 -16.99
N THR A 148 0.76 -4.06 -17.83
CA THR A 148 1.71 -3.43 -18.73
C THR A 148 2.22 -2.12 -18.12
N LEU A 149 3.24 -1.54 -18.75
CA LEU A 149 3.79 -0.29 -18.24
C LEU A 149 2.76 0.83 -18.27
N GLY A 150 1.80 0.74 -19.19
CA GLY A 150 0.80 1.79 -19.35
C GLY A 150 -0.45 1.59 -18.51
N ASP A 151 -0.55 0.46 -17.80
CA ASP A 151 -1.71 0.18 -16.96
C ASP A 151 -1.61 0.92 -15.64
N MET A 152 -2.68 1.58 -15.25
CA MET A 152 -2.65 2.19 -13.92
C MET A 152 -2.88 1.11 -12.87
N GLU A 153 -2.10 1.17 -11.80
CA GLU A 153 -2.11 0.14 -10.77
C GLU A 153 -2.18 0.82 -9.41
N SER A 154 -2.17 0.01 -8.37
CA SER A 154 -2.35 0.50 -7.02
C SER A 154 -1.16 0.08 -6.15
N PRO A 155 -0.50 1.02 -5.47
CA PRO A 155 0.57 0.61 -4.53
C PRO A 155 0.03 -0.19 -3.36
N VAL A 156 -1.27 -0.06 -3.07
CA VAL A 156 -1.89 -0.86 -2.02
C VAL A 156 -1.88 -2.34 -2.38
N PHE A 157 -2.03 -2.65 -3.68
CA PHE A 157 -1.94 -4.03 -4.15
C PHE A 157 -0.48 -4.46 -4.32
N ALA A 158 0.37 -3.58 -4.84
CA ALA A 158 1.72 -3.96 -5.21
C ALA A 158 2.67 -4.04 -4.01
N PHE A 159 2.52 -3.17 -3.01
CA PHE A 159 3.46 -3.18 -1.89
C PHE A 159 3.52 -4.52 -1.18
N PRO A 160 2.41 -5.12 -0.73
CA PRO A 160 2.52 -6.43 -0.05
C PRO A 160 3.10 -7.50 -0.95
N LEU A 161 2.82 -7.46 -2.26
CA LEU A 161 3.33 -8.47 -3.17
C LEU A 161 4.84 -8.35 -3.33
N LEU A 162 5.34 -7.12 -3.39
CA LEU A 162 6.79 -6.90 -3.47
C LEU A 162 7.48 -7.40 -2.22
N LEU A 163 6.93 -7.10 -1.05
CA LEU A 163 7.54 -7.56 0.20
C LEU A 163 7.57 -9.08 0.27
N LYS A 164 6.51 -9.74 -0.20
CA LYS A 164 6.44 -11.20 -0.12
C LYS A 164 7.55 -11.88 -0.90
N LEU A 165 8.21 -11.16 -1.81
CA LEU A 165 9.26 -11.78 -2.62
C LEU A 165 10.41 -12.28 -1.75
N GLU A 166 10.66 -11.64 -0.61
CA GLU A 166 11.78 -12.04 0.25
C GLU A 166 11.34 -12.03 1.71
N THR A 167 11.26 -13.22 2.31
CA THR A 167 10.72 -13.34 3.67
C THR A 167 11.55 -12.53 4.68
N HIS A 168 12.88 -12.47 4.51
CA HIS A 168 13.67 -11.71 5.47
C HIS A 168 13.34 -10.23 5.45
N ILE A 169 12.93 -9.70 4.29
CA ILE A 169 12.49 -8.30 4.25
C ILE A 169 11.04 -8.18 4.70
N GLU A 170 10.19 -9.11 4.27
CA GLU A 170 8.78 -9.06 4.64
C GLU A 170 8.60 -9.02 6.15
N LYS A 171 9.45 -9.75 6.89
CA LYS A 171 9.33 -9.83 8.34
C LYS A 171 9.42 -8.45 8.99
N LEU A 172 10.12 -7.50 8.36
CA LEU A 172 10.21 -6.15 8.91
C LEU A 172 8.87 -5.45 8.96
N PHE A 173 7.90 -5.89 8.16
CA PHE A 173 6.65 -5.18 7.94
C PHE A 173 5.43 -5.91 8.50
N LEU A 174 5.56 -7.16 8.93
CA LEU A 174 4.41 -7.98 9.28
C LEU A 174 4.01 -7.76 10.72
N TYR A 175 2.78 -7.29 10.94
CA TYR A 175 2.28 -7.08 12.29
C TYR A 175 1.01 -7.91 12.52
N SER A 176 0.75 -8.25 13.78
CA SER A 176 -0.42 -9.02 14.13
C SER A 176 -1.43 -8.14 14.88
N PHE A 177 -2.71 -8.43 14.66
CA PHE A 177 -3.77 -7.61 15.21
C PHE A 177 -5.03 -8.44 15.09
N SER A 178 -6.11 -7.95 15.69
CA SER A 178 -7.43 -8.51 15.48
C SER A 178 -8.38 -7.40 15.05
N TRP A 179 -9.32 -7.76 14.18
CA TRP A 179 -10.50 -6.93 13.92
C TRP A 179 -11.59 -7.32 14.93
N ASP A 180 -12.05 -6.34 15.71
CA ASP A 180 -13.10 -6.54 16.71
C ASP A 180 -14.35 -5.78 16.29
N PHE A 181 -15.51 -6.44 16.37
CA PHE A 181 -16.74 -5.84 15.91
C PHE A 181 -17.88 -6.28 16.81
N GLU A 182 -18.76 -5.35 17.16
CA GLU A 182 -20.02 -5.71 17.80
C GLU A 182 -21.10 -4.77 17.31
N CYS A 183 -22.25 -5.34 16.95
CA CYS A 183 -23.37 -4.57 16.44
C CYS A 183 -24.28 -4.20 17.61
N SER A 184 -24.54 -2.90 17.76
CA SER A 184 -25.42 -2.43 18.82
C SER A 184 -26.88 -2.79 18.60
N GLN A 185 -27.25 -3.19 17.38
CA GLN A 185 -28.65 -3.45 17.05
C GLN A 185 -29.04 -4.90 17.22
N CYS A 186 -28.23 -5.85 16.75
CA CYS A 186 -28.59 -7.26 16.80
C CYS A 186 -27.63 -8.11 17.62
N GLY A 187 -26.50 -7.59 18.07
CA GLY A 187 -25.59 -8.35 18.91
C GLY A 187 -24.49 -9.07 18.17
N HIS A 188 -24.56 -9.17 16.85
CA HIS A 188 -23.52 -9.82 16.06
C HIS A 188 -22.14 -9.30 16.47
N GLN A 189 -21.22 -10.22 16.74
CA GLN A 189 -19.89 -9.80 17.18
C GLN A 189 -18.85 -10.78 16.66
N TYR A 190 -17.63 -10.28 16.50
CA TYR A 190 -16.53 -11.17 16.14
C TYR A 190 -15.22 -10.54 16.58
N GLN A 191 -14.18 -11.38 16.62
CA GLN A 191 -12.79 -10.98 16.85
C GLN A 191 -11.96 -11.89 15.95
N ASN A 192 -11.37 -11.33 14.90
CA ASN A 192 -10.67 -12.11 13.88
C ASN A 192 -9.22 -11.69 13.84
N ARG A 193 -8.31 -12.64 14.04
CA ARG A 193 -6.89 -12.33 14.12
C ARG A 193 -6.22 -12.47 12.75
N HIS A 194 -5.32 -11.53 12.45
CA HIS A 194 -4.62 -11.52 11.19
C HIS A 194 -3.17 -11.12 11.40
N MET A 195 -2.33 -11.49 10.43
CA MET A 195 -0.97 -10.96 10.34
C MET A 195 -0.80 -10.40 8.93
N LYS A 196 -0.49 -9.11 8.81
CA LYS A 196 -0.46 -8.45 7.51
C LYS A 196 0.66 -7.42 7.46
N SER A 197 0.98 -6.97 6.25
CA SER A 197 1.92 -5.86 6.06
C SER A 197 1.25 -4.54 5.69
N LEU A 198 -0.01 -4.55 5.25
CA LEU A 198 -0.68 -3.30 4.89
C LEU A 198 -2.18 -3.47 5.06
N VAL A 199 -2.73 -2.85 6.07
CA VAL A 199 -4.17 -2.89 6.35
C VAL A 199 -4.81 -1.61 5.84
N THR A 200 -6.05 -1.73 5.36
CA THR A 200 -6.79 -0.60 4.79
C THR A 200 -7.86 -0.14 5.76
N PHE A 201 -7.95 1.18 5.97
CA PHE A 201 -9.00 1.84 6.74
C PHE A 201 -9.88 2.70 5.85
N THR A 202 -11.18 2.69 6.12
CA THR A 202 -12.09 3.63 5.50
C THR A 202 -13.11 4.07 6.56
N ASN A 203 -13.59 5.31 6.43
CA ASN A 203 -14.60 5.88 7.33
C ASN A 203 -14.14 5.88 8.79
N VAL A 204 -12.93 6.38 9.03
CA VAL A 204 -12.38 6.29 10.39
C VAL A 204 -13.11 7.26 11.31
N ILE A 205 -13.08 6.95 12.61
CA ILE A 205 -13.68 7.83 13.61
C ILE A 205 -12.87 9.11 13.66
N PRO A 206 -13.49 10.25 13.99
CA PRO A 206 -12.73 11.52 14.02
C PRO A 206 -11.47 11.45 14.86
N GLU A 207 -11.53 10.78 16.00
CA GLU A 207 -10.39 10.66 16.91
C GLU A 207 -9.56 9.40 16.66
N TRP A 208 -9.52 8.92 15.41
CA TRP A 208 -8.73 7.73 15.09
C TRP A 208 -7.29 7.90 15.55
N HIS A 209 -6.74 6.82 16.09
CA HIS A 209 -5.35 6.77 16.54
C HIS A 209 -4.90 5.33 16.47
N PRO A 210 -3.62 5.05 16.22
CA PRO A 210 -3.18 3.65 16.18
C PRO A 210 -3.55 2.87 17.44
N LEU A 211 -3.63 3.54 18.60
CA LEU A 211 -4.01 2.87 19.84
C LEU A 211 -5.51 2.92 20.09
N ASN A 212 -6.27 3.55 19.19
CA ASN A 212 -7.74 3.56 19.20
C ASN A 212 -8.19 3.58 17.73
N ALA A 213 -7.88 2.50 17.01
CA ALA A 213 -7.93 2.47 15.55
C ALA A 213 -9.26 1.90 15.08
N ALA A 214 -10.30 2.73 15.19
CA ALA A 214 -11.66 2.33 14.92
C ALA A 214 -12.22 3.03 13.69
N HIS A 215 -13.21 2.40 13.05
CA HIS A 215 -13.88 2.99 11.91
C HIS A 215 -15.33 2.53 11.90
N PHE A 216 -16.14 3.21 11.10
CA PHE A 216 -17.56 2.90 10.96
C PHE A 216 -17.76 1.89 9.85
N GLY A 217 -18.68 0.97 10.06
CA GLY A 217 -19.02 0.01 9.02
C GLY A 217 -20.33 -0.69 9.32
N PRO A 218 -20.84 -1.44 8.35
CA PRO A 218 -22.14 -2.09 8.51
C PRO A 218 -22.05 -3.43 9.23
N CYS A 219 -23.20 -3.85 9.76
CA CYS A 219 -23.34 -5.18 10.33
C CYS A 219 -23.69 -6.17 9.24
N ASN A 220 -22.93 -7.27 9.17
CA ASN A 220 -23.24 -8.27 8.16
C ASN A 220 -24.42 -9.15 8.53
N ASN A 221 -24.88 -9.10 9.78
CA ASN A 221 -26.04 -9.90 10.16
C ASN A 221 -27.35 -9.18 9.89
N CYS A 222 -27.45 -7.92 10.31
CA CYS A 222 -28.72 -7.19 10.23
C CYS A 222 -28.66 -5.98 9.31
N ASN A 223 -27.50 -5.67 8.75
CA ASN A 223 -27.30 -4.58 7.80
C ASN A 223 -27.45 -3.20 8.42
N SER A 224 -27.39 -3.10 9.74
CA SER A 224 -27.37 -1.78 10.36
C SER A 224 -26.10 -1.05 9.98
N LYS A 225 -26.20 0.24 9.76
CA LYS A 225 -25.05 1.02 9.31
C LYS A 225 -24.36 1.69 10.48
N SER A 226 -23.11 2.08 10.25
CA SER A 226 -22.34 2.93 11.16
C SER A 226 -22.13 2.27 12.52
N GLN A 227 -21.96 0.95 12.52
CA GLN A 227 -21.43 0.27 13.70
C GLN A 227 -19.92 0.50 13.76
N ILE A 228 -19.29 0.07 14.85
CA ILE A 228 -17.87 0.33 15.09
C ILE A 228 -17.09 -0.97 14.90
N ARG A 229 -16.05 -0.90 14.07
CA ARG A 229 -15.10 -1.98 13.86
C ARG A 229 -13.72 -1.45 14.22
N LYS A 230 -12.96 -2.22 14.99
CA LYS A 230 -11.71 -1.68 15.55
C LYS A 230 -10.56 -2.63 15.31
N MET A 231 -9.43 -2.07 14.85
CA MET A 231 -8.15 -2.80 14.79
C MET A 231 -7.51 -2.76 16.16
N VAL A 232 -7.29 -3.92 16.77
CA VAL A 232 -6.62 -4.00 18.06
C VAL A 232 -5.24 -4.59 17.83
N LEU A 233 -4.20 -3.75 17.94
CA LEU A 233 -2.85 -4.20 17.65
C LEU A 233 -2.39 -5.21 18.70
N GLU A 234 -1.69 -6.24 18.24
CA GLU A 234 -1.15 -7.25 19.13
C GLU A 234 0.37 -7.23 19.20
N LYS A 235 1.04 -7.27 18.05
CA LYS A 235 2.50 -7.18 18.01
C LYS A 235 2.88 -6.36 16.80
N VAL A 236 3.69 -5.31 16.99
CA VAL A 236 3.99 -4.36 15.92
C VAL A 236 5.40 -4.61 15.42
N SER A 237 5.55 -4.60 14.10
CA SER A 237 6.80 -4.82 13.41
C SER A 237 7.63 -3.54 13.39
N PRO A 238 8.94 -3.64 13.09
CA PRO A 238 9.78 -2.43 13.05
C PRO A 238 9.31 -1.40 12.06
N ILE A 239 8.63 -1.82 10.99
CA ILE A 239 7.99 -0.92 10.05
C ILE A 239 6.51 -1.25 10.05
N PHE A 240 5.66 -0.23 10.17
CA PHE A 240 4.22 -0.43 10.34
C PHE A 240 3.49 0.48 9.37
N MET A 241 2.72 -0.09 8.44
CA MET A 241 2.11 0.69 7.36
C MET A 241 0.60 0.51 7.32
N LEU A 242 -0.10 1.60 7.05
CA LEU A 242 -1.56 1.57 6.89
C LEU A 242 -1.96 2.36 5.65
N HIS A 243 -3.08 1.95 5.06
CA HIS A 243 -3.69 2.62 3.91
C HIS A 243 -5.00 3.27 4.35
N PHE A 244 -5.18 4.55 4.00
CA PHE A 244 -6.38 5.31 4.36
C PHE A 244 -7.12 5.72 3.07
N VAL A 245 -8.32 5.16 2.87
CA VAL A 245 -9.05 5.40 1.62
C VAL A 245 -9.42 6.87 1.47
N GLU A 246 -9.78 7.53 2.58
CA GLU A 246 -10.12 8.94 2.55
C GLU A 246 -9.11 9.80 3.30
N GLY A 247 -7.89 9.32 3.46
CA GLY A 247 -6.88 10.07 4.18
C GLY A 247 -7.09 10.04 5.68
N LEU A 248 -6.36 10.92 6.37
CA LEU A 248 -6.45 11.03 7.82
C LEU A 248 -7.33 12.20 8.22
N PRO A 249 -7.91 12.16 9.42
CA PRO A 249 -8.77 13.26 9.86
C PRO A 249 -8.06 14.61 9.89
N GLN A 250 -6.75 14.63 10.09
CA GLN A 250 -5.98 15.86 10.06
C GLN A 250 -4.55 15.50 9.69
N ASN A 251 -3.76 16.52 9.31
CA ASN A 251 -2.44 16.20 8.75
C ASN A 251 -1.28 16.59 9.66
N ASP A 252 -1.52 16.84 10.95
CA ASP A 252 -0.41 17.01 11.89
C ASP A 252 0.03 15.62 12.32
N LEU A 253 1.10 15.14 11.70
CA LEU A 253 1.50 13.73 11.84
C LEU A 253 2.03 13.40 13.22
N GLN A 254 2.56 14.39 13.96
CA GLN A 254 3.08 14.11 15.30
C GLN A 254 2.00 13.56 16.22
N HIS A 255 0.73 13.90 15.97
CA HIS A 255 -0.36 13.40 16.78
C HIS A 255 -0.51 11.89 16.67
N TYR A 256 -0.06 11.29 15.58
CA TYR A 256 -0.28 9.87 15.34
C TYR A 256 0.92 9.01 15.76
N ALA A 257 1.95 9.62 16.34
CA ALA A 257 2.99 8.85 17.00
C ALA A 257 2.37 8.03 18.13
N PHE A 258 2.97 6.89 18.43
CA PHE A 258 2.44 6.06 19.51
C PHE A 258 3.52 5.18 20.10
N HIS A 259 3.31 4.77 21.35
CA HIS A 259 4.12 3.75 22.00
C HIS A 259 3.37 2.44 22.00
N PHE A 260 4.10 1.34 21.82
CA PHE A 260 3.49 0.01 21.89
C PHE A 260 4.50 -0.94 22.52
N GLU A 261 4.11 -1.53 23.64
CA GLU A 261 4.98 -2.43 24.41
C GLU A 261 6.36 -1.82 24.64
N GLY A 262 6.37 -0.53 24.96
CA GLY A 262 7.59 0.16 25.32
C GLY A 262 8.32 0.86 24.18
N CYS A 263 8.02 0.52 22.93
CA CYS A 263 8.71 1.09 21.78
C CYS A 263 7.95 2.26 21.19
N LEU A 264 8.68 3.29 20.78
CA LEU A 264 8.12 4.47 20.13
C LEU A 264 8.03 4.25 18.62
N TYR A 265 6.88 4.55 18.04
CA TYR A 265 6.69 4.56 16.59
C TYR A 265 6.35 5.97 16.13
N GLN A 266 7.05 6.43 15.10
CA GLN A 266 6.80 7.75 14.53
C GLN A 266 6.66 7.62 13.02
N ILE A 267 5.85 8.50 12.43
CA ILE A 267 5.68 8.47 10.98
C ILE A 267 6.95 8.98 10.31
N THR A 268 7.49 8.21 9.38
CA THR A 268 8.70 8.60 8.68
C THR A 268 8.49 8.85 7.19
N SER A 269 7.40 8.34 6.60
CA SER A 269 7.09 8.68 5.22
C SER A 269 5.59 8.51 5.00
N VAL A 270 5.12 9.17 3.95
CA VAL A 270 3.71 9.17 3.55
C VAL A 270 3.67 9.09 2.04
N ILE A 271 2.80 8.26 1.49
CA ILE A 271 2.50 8.30 0.06
C ILE A 271 1.23 9.12 -0.11
N GLN A 272 1.35 10.21 -0.87
CA GLN A 272 0.23 11.08 -1.19
C GLN A 272 -0.43 10.62 -2.48
N TYR A 273 -1.76 10.60 -2.50
CA TYR A 273 -2.53 10.32 -3.71
C TYR A 273 -3.04 11.65 -4.21
N ARG A 274 -2.24 12.33 -5.03
CA ARG A 274 -2.55 13.69 -5.43
C ARG A 274 -3.63 13.70 -6.51
N ALA A 275 -4.68 14.50 -6.29
CA ALA A 275 -5.74 14.73 -7.27
C ALA A 275 -6.33 13.42 -7.81
N ASN A 276 -6.32 12.38 -6.96
CA ASN A 276 -6.87 11.05 -7.29
C ASN A 276 -6.27 10.47 -8.58
N ASN A 277 -5.02 10.81 -8.92
CA ASN A 277 -4.45 10.24 -10.14
C ASN A 277 -2.93 10.17 -10.16
N HIS A 278 -2.24 10.53 -9.08
CA HIS A 278 -0.78 10.59 -9.11
C HIS A 278 -0.24 10.35 -7.72
N PHE A 279 0.67 9.38 -7.59
CA PHE A 279 1.25 9.05 -6.29
C PHE A 279 2.59 9.76 -6.13
N ILE A 280 2.79 10.37 -4.97
CA ILE A 280 3.98 11.14 -4.66
C ILE A 280 4.43 10.74 -3.26
N THR A 281 5.73 10.49 -3.07
CA THR A 281 6.22 10.04 -1.77
C THR A 281 6.85 11.19 -1.00
N TRP A 282 6.50 11.30 0.28
CA TRP A 282 7.04 12.34 1.17
C TRP A 282 7.90 11.64 2.22
N ILE A 283 9.13 12.10 2.38
CA ILE A 283 10.11 11.48 3.29
C ILE A 283 10.50 12.49 4.35
N LEU A 284 10.48 12.07 5.62
CA LEU A 284 10.93 12.93 6.71
C LEU A 284 12.44 12.85 6.84
N ASP A 285 13.11 14.00 6.80
CA ASP A 285 14.57 14.02 6.87
C ASP A 285 15.04 14.18 8.31
N ALA A 286 16.36 14.06 8.51
CA ALA A 286 16.91 14.03 9.86
C ALA A 286 16.69 15.35 10.59
N ASP A 287 16.83 16.47 9.90
CA ASP A 287 16.67 17.77 10.53
C ASP A 287 15.22 18.22 10.61
N GLY A 288 14.27 17.33 10.33
CA GLY A 288 12.87 17.65 10.42
C GLY A 288 12.25 18.20 9.15
N SER A 289 13.06 18.55 8.16
CA SER A 289 12.47 18.94 6.89
C SER A 289 11.98 17.70 6.15
N TRP A 290 11.24 17.92 5.06
CA TRP A 290 10.60 16.86 4.30
C TRP A 290 11.07 16.90 2.86
N LEU A 291 11.22 15.71 2.27
CA LEU A 291 11.55 15.55 0.86
C LEU A 291 10.33 15.05 0.12
N GLU A 292 9.94 15.75 -0.95
CA GLU A 292 8.85 15.35 -1.82
C GLU A 292 9.45 14.73 -3.08
N CYS A 293 9.11 13.47 -3.35
CA CYS A 293 9.59 12.73 -4.50
C CYS A 293 8.44 12.62 -5.49
N ASP A 294 8.34 13.61 -6.37
CA ASP A 294 7.32 13.68 -7.41
C ASP A 294 8.01 13.33 -8.73
N ASP A 295 7.70 12.16 -9.29
CA ASP A 295 8.45 11.67 -10.44
C ASP A 295 8.27 12.54 -11.68
N LEU A 296 7.33 13.50 -11.68
CA LEU A 296 7.24 14.41 -12.80
C LEU A 296 8.23 15.57 -12.71
N LYS A 297 8.98 15.68 -11.62
CA LYS A 297 9.83 16.86 -11.44
C LYS A 297 11.30 16.49 -11.42
N GLY A 298 11.76 15.87 -12.51
CA GLY A 298 13.18 15.75 -12.77
C GLY A 298 13.88 14.75 -11.88
N PRO A 299 15.21 14.77 -11.92
CA PRO A 299 15.99 13.75 -11.20
C PRO A 299 16.14 14.03 -9.71
N CYS A 300 16.11 15.30 -9.29
CA CYS A 300 16.25 15.67 -7.88
C CYS A 300 14.89 15.81 -7.21
N SER A 301 14.85 15.55 -5.91
CA SER A 301 13.64 15.73 -5.14
C SER A 301 13.58 17.14 -4.56
N GLU A 302 12.40 17.53 -4.09
CA GLU A 302 12.15 18.90 -3.62
C GLU A 302 12.08 18.91 -2.10
N ARG A 303 12.84 19.81 -1.48
CA ARG A 303 12.86 19.93 -0.03
C ARG A 303 11.79 20.92 0.43
N HIS A 304 11.03 20.53 1.45
CA HIS A 304 10.01 21.38 2.06
C HIS A 304 10.28 21.48 3.55
N LYS A 305 9.98 22.64 4.14
CA LYS A 305 10.23 22.76 5.57
C LYS A 305 9.18 22.06 6.46
N LYS A 306 7.96 21.76 5.98
CA LYS A 306 6.93 21.40 6.99
C LYS A 306 6.10 20.11 6.87
N PHE A 307 5.81 19.63 5.66
CA PHE A 307 4.80 18.60 5.29
C PHE A 307 3.52 19.29 4.86
N GLU A 308 3.18 19.17 3.58
CA GLU A 308 2.14 20.00 2.96
C GLU A 308 1.08 19.15 2.25
N VAL A 309 0.97 17.88 2.58
CA VAL A 309 -0.07 17.05 1.95
C VAL A 309 -1.40 17.35 2.62
N PRO A 310 -2.45 17.69 1.87
CA PRO A 310 -3.79 17.80 2.47
C PRO A 310 -4.18 16.49 3.15
N ALA A 311 -4.93 16.60 4.25
CA ALA A 311 -5.24 15.41 5.03
C ALA A 311 -5.94 14.35 4.19
N SER A 312 -6.86 14.76 3.30
CA SER A 312 -7.65 13.82 2.53
C SER A 312 -6.84 13.07 1.48
N GLU A 313 -5.62 13.53 1.17
CA GLU A 313 -4.77 12.87 0.18
C GLU A 313 -3.68 12.00 0.80
N ILE A 314 -3.73 11.76 2.11
CA ILE A 314 -2.75 10.92 2.76
C ILE A 314 -3.16 9.46 2.53
N HIS A 315 -2.42 8.77 1.65
CA HIS A 315 -2.86 7.47 1.13
C HIS A 315 -2.28 6.29 1.90
N ILE A 316 -0.95 6.20 1.97
CA ILE A 316 -0.27 5.20 2.77
C ILE A 316 0.62 5.93 3.76
N VAL A 317 0.57 5.51 5.02
CA VAL A 317 1.35 6.11 6.10
C VAL A 317 2.31 5.07 6.62
N ILE A 318 3.57 5.44 6.77
CA ILE A 318 4.61 4.50 7.20
C ILE A 318 5.18 5.00 8.52
N TRP A 319 4.97 4.22 9.60
CA TRP A 319 5.62 4.39 10.88
C TRP A 319 6.83 3.49 10.96
N GLU A 320 7.86 3.94 11.69
CA GLU A 320 9.02 3.10 12.00
C GLU A 320 9.31 3.17 13.48
N ARG A 321 9.77 2.05 14.03
CA ARG A 321 10.23 1.99 15.41
C ARG A 321 11.50 2.84 15.60
N LYS A 322 11.56 3.62 16.67
CA LYS A 322 12.60 4.61 16.96
C LYS A 322 13.32 4.23 18.26
N ILE A 323 14.59 4.71 18.46
CA ILE A 323 15.26 4.53 19.80
C ILE A 323 14.52 5.35 20.85
N HIS B 23 -20.51 -24.90 -9.29
CA HIS B 23 -21.34 -24.14 -8.35
C HIS B 23 -20.71 -24.08 -6.97
N ILE B 24 -20.21 -22.89 -6.60
CA ILE B 24 -19.54 -22.66 -5.33
C ILE B 24 -20.03 -21.35 -4.72
N ASN B 25 -19.77 -21.18 -3.43
CA ASN B 25 -20.05 -19.96 -2.69
C ASN B 25 -18.80 -19.10 -2.65
N LEU B 26 -18.97 -17.81 -2.92
CA LEU B 26 -17.87 -16.86 -2.85
C LEU B 26 -18.28 -15.70 -1.96
N LYS B 27 -17.39 -15.30 -1.07
CA LYS B 27 -17.60 -14.10 -0.26
C LYS B 27 -16.88 -12.93 -0.92
N VAL B 28 -17.53 -11.77 -0.95
CA VAL B 28 -16.93 -10.52 -1.38
C VAL B 28 -16.78 -9.63 -0.16
N ALA B 29 -15.54 -9.32 0.21
CA ALA B 29 -15.25 -8.61 1.46
C ALA B 29 -14.79 -7.19 1.12
N GLY B 30 -15.57 -6.19 1.57
CA GLY B 30 -15.21 -4.80 1.37
C GLY B 30 -14.37 -4.26 2.51
N GLN B 31 -13.83 -3.06 2.28
CA GLN B 31 -12.87 -2.47 3.21
C GLN B 31 -13.54 -1.88 4.45
N ASP B 32 -14.86 -1.73 4.44
CA ASP B 32 -15.59 -1.33 5.65
C ASP B 32 -15.97 -2.52 6.52
N GLY B 33 -15.53 -3.73 6.16
CA GLY B 33 -15.87 -4.93 6.90
C GLY B 33 -17.10 -5.64 6.40
N SER B 34 -17.78 -5.12 5.38
CA SER B 34 -18.92 -5.80 4.81
C SER B 34 -18.49 -7.10 4.15
N VAL B 35 -19.37 -8.10 4.22
CA VAL B 35 -19.16 -9.37 3.53
C VAL B 35 -20.49 -9.79 2.92
N VAL B 36 -20.51 -10.01 1.61
CA VAL B 36 -21.70 -10.49 0.95
C VAL B 36 -21.35 -11.80 0.26
N GLN B 37 -22.22 -12.79 0.38
CA GLN B 37 -21.99 -14.11 -0.19
C GLN B 37 -22.80 -14.30 -1.46
N PHE B 38 -22.19 -14.97 -2.44
CA PHE B 38 -22.84 -15.30 -3.69
C PHE B 38 -22.50 -16.73 -4.08
N LYS B 39 -23.34 -17.31 -4.94
CA LYS B 39 -23.07 -18.64 -5.52
C LYS B 39 -22.75 -18.47 -7.00
N ILE B 40 -21.84 -19.30 -7.52
CA ILE B 40 -21.38 -19.18 -8.92
C ILE B 40 -20.76 -20.50 -9.34
N LYS B 41 -20.85 -20.81 -10.64
CA LYS B 41 -20.25 -22.02 -11.20
C LYS B 41 -18.77 -21.80 -11.50
N ARG B 42 -17.99 -22.89 -11.40
CA ARG B 42 -16.54 -22.80 -11.43
C ARG B 42 -16.04 -22.16 -12.73
N HIS B 43 -16.69 -22.44 -13.85
CA HIS B 43 -16.23 -21.97 -15.15
C HIS B 43 -17.02 -20.76 -15.66
N THR B 44 -17.84 -20.14 -14.81
CA THR B 44 -18.55 -18.92 -15.17
C THR B 44 -17.66 -17.70 -14.94
N PRO B 45 -17.61 -16.77 -15.90
CA PRO B 45 -16.78 -15.56 -15.71
C PRO B 45 -17.24 -14.75 -14.51
N LEU B 46 -16.27 -14.15 -13.81
CA LEU B 46 -16.52 -13.34 -12.63
C LEU B 46 -17.19 -12.02 -12.95
N SER B 47 -17.39 -11.73 -14.24
CA SER B 47 -18.10 -10.52 -14.63
C SER B 47 -19.51 -10.45 -14.04
N LYS B 48 -20.29 -11.54 -14.13
CA LYS B 48 -21.67 -11.53 -13.63
C LYS B 48 -21.71 -11.33 -12.11
N LEU B 49 -20.70 -11.85 -11.41
CA LEU B 49 -20.60 -11.63 -9.97
C LEU B 49 -20.19 -10.19 -9.64
N MET B 50 -19.20 -9.65 -10.35
CA MET B 50 -18.78 -8.28 -10.06
C MET B 50 -19.91 -7.29 -10.33
N LYS B 51 -20.70 -7.55 -11.38
CA LYS B 51 -21.83 -6.68 -11.68
C LYS B 51 -22.92 -6.78 -10.61
N ALA B 52 -23.25 -8.02 -10.21
CA ALA B 52 -24.26 -8.20 -9.17
C ALA B 52 -23.87 -7.49 -7.89
N TYR B 53 -22.59 -7.57 -7.52
CA TYR B 53 -22.12 -6.91 -6.30
C TYR B 53 -22.26 -5.39 -6.41
N SER B 54 -21.86 -4.82 -7.56
CA SER B 54 -22.04 -3.39 -7.78
C SER B 54 -23.50 -2.99 -7.58
N GLU B 55 -24.41 -3.76 -8.17
CA GLU B 55 -25.83 -3.44 -8.07
C GLU B 55 -26.30 -3.50 -6.62
N ARG B 56 -25.91 -4.54 -5.89
CA ARG B 56 -26.35 -4.68 -4.51
C ARG B 56 -25.88 -3.52 -3.64
N GLN B 57 -24.65 -3.06 -3.87
CA GLN B 57 -24.02 -2.04 -3.05
C GLN B 57 -24.16 -0.62 -3.58
N GLY B 58 -24.71 -0.44 -4.78
CA GLY B 58 -24.84 0.89 -5.34
C GLY B 58 -23.55 1.50 -5.84
N LEU B 59 -22.53 0.69 -6.09
CA LEU B 59 -21.25 1.17 -6.56
C LEU B 59 -21.14 1.03 -8.07
N SER B 60 -20.43 1.97 -8.68
CA SER B 60 -20.11 1.88 -10.10
C SER B 60 -19.05 0.81 -10.35
N MET B 61 -19.22 0.04 -11.42
CA MET B 61 -18.27 -1.03 -11.73
C MET B 61 -16.91 -0.48 -12.11
N ARG B 62 -16.88 0.65 -12.82
CA ARG B 62 -15.62 1.28 -13.16
C ARG B 62 -14.92 1.83 -11.94
N GLN B 63 -15.60 1.89 -10.79
CA GLN B 63 -15.09 2.56 -9.60
C GLN B 63 -14.53 1.61 -8.55
N ILE B 64 -14.58 0.30 -8.79
CA ILE B 64 -14.12 -0.68 -7.82
C ILE B 64 -13.14 -1.64 -8.49
N ARG B 65 -12.33 -2.29 -7.65
CA ARG B 65 -11.33 -3.25 -8.08
C ARG B 65 -11.40 -4.46 -7.17
N PHE B 66 -11.32 -5.64 -7.75
CA PHE B 66 -11.41 -6.90 -7.01
C PHE B 66 -10.04 -7.55 -6.94
N ARG B 67 -9.83 -8.32 -5.88
CA ARG B 67 -8.54 -8.97 -5.66
C ARG B 67 -8.79 -10.34 -5.04
N PHE B 68 -8.08 -11.34 -5.53
CA PHE B 68 -8.12 -12.69 -4.96
C PHE B 68 -6.70 -13.14 -4.71
N ASP B 69 -6.43 -13.59 -3.49
CA ASP B 69 -5.11 -14.09 -3.11
C ASP B 69 -4.03 -13.04 -3.39
N GLY B 70 -4.35 -11.78 -3.11
CA GLY B 70 -3.43 -10.69 -3.32
C GLY B 70 -3.27 -10.21 -4.76
N GLN B 71 -3.93 -10.84 -5.73
CA GLN B 71 -3.72 -10.45 -7.12
C GLN B 71 -4.98 -9.85 -7.72
N PRO B 72 -4.86 -8.78 -8.49
CA PRO B 72 -6.05 -8.21 -9.14
C PRO B 72 -6.66 -9.20 -10.10
N ILE B 73 -7.99 -9.22 -10.16
CA ILE B 73 -8.68 -10.14 -11.05
C ILE B 73 -9.56 -9.36 -12.03
N ASN B 74 -9.81 -9.98 -13.19
CA ASN B 74 -10.52 -9.39 -14.33
C ASN B 74 -11.95 -9.89 -14.41
N GLU B 75 -12.77 -9.15 -15.18
CA GLU B 75 -14.11 -9.62 -15.46
C GLU B 75 -14.12 -10.93 -16.24
N THR B 76 -13.05 -11.19 -17.01
CA THR B 76 -13.05 -12.39 -17.83
C THR B 76 -12.53 -13.63 -17.10
N ASP B 77 -11.93 -13.46 -15.92
CA ASP B 77 -11.46 -14.60 -15.15
C ASP B 77 -12.64 -15.44 -14.65
N THR B 78 -12.43 -16.76 -14.57
CA THR B 78 -13.38 -17.67 -13.94
C THR B 78 -12.78 -18.24 -12.64
N PRO B 79 -13.63 -18.65 -11.69
CA PRO B 79 -13.10 -19.33 -10.50
C PRO B 79 -12.22 -20.52 -10.85
N ALA B 80 -12.51 -21.23 -11.95
CA ALA B 80 -11.68 -22.35 -12.36
C ALA B 80 -10.26 -21.90 -12.69
N GLN B 81 -10.11 -20.81 -13.44
CA GLN B 81 -8.77 -20.33 -13.78
C GLN B 81 -7.99 -19.88 -12.55
N LEU B 82 -8.67 -19.25 -11.59
CA LEU B 82 -8.00 -18.71 -10.42
C LEU B 82 -7.83 -19.74 -9.31
N GLU B 83 -8.30 -20.96 -9.50
CA GLU B 83 -8.24 -22.03 -8.50
C GLU B 83 -8.97 -21.63 -7.23
N MET B 84 -10.14 -21.03 -7.39
CA MET B 84 -10.99 -20.67 -6.26
C MET B 84 -11.70 -21.91 -5.75
N GLU B 85 -11.56 -22.17 -4.46
CA GLU B 85 -12.34 -23.21 -3.79
C GLU B 85 -13.62 -22.58 -3.23
N ASP B 86 -14.57 -23.43 -2.88
CA ASP B 86 -15.80 -22.93 -2.30
C ASP B 86 -15.53 -22.22 -0.98
N GLU B 87 -16.31 -21.18 -0.70
CA GLU B 87 -16.20 -20.31 0.47
C GLU B 87 -14.95 -19.44 0.43
N ASP B 88 -14.26 -19.36 -0.70
CA ASP B 88 -13.16 -18.42 -0.83
C ASP B 88 -13.67 -16.99 -0.76
N THR B 89 -12.78 -16.06 -0.43
CA THR B 89 -13.09 -14.66 -0.29
C THR B 89 -12.42 -13.85 -1.38
N ILE B 90 -13.17 -12.96 -2.01
CA ILE B 90 -12.63 -11.95 -2.92
C ILE B 90 -12.65 -10.61 -2.19
N ASP B 91 -11.53 -9.91 -2.20
CA ASP B 91 -11.50 -8.56 -1.63
C ASP B 91 -11.98 -7.56 -2.66
N VAL B 92 -12.63 -6.49 -2.21
CA VAL B 92 -13.08 -5.43 -3.10
C VAL B 92 -12.69 -4.09 -2.50
N PHE B 93 -12.19 -3.20 -3.36
CA PHE B 93 -11.69 -1.89 -2.99
C PHE B 93 -12.31 -0.84 -3.90
N GLN B 94 -12.45 0.37 -3.36
CA GLN B 94 -12.65 1.53 -4.20
C GLN B 94 -11.40 1.73 -5.04
N GLN B 95 -11.57 1.91 -6.35
CA GLN B 95 -10.38 2.03 -7.21
C GLN B 95 -9.60 3.28 -6.86
N GLN B 96 -8.29 3.10 -6.57
CA GLN B 96 -7.38 4.20 -6.30
C GLN B 96 -6.06 3.88 -7.02
N THR B 97 -6.09 4.03 -8.35
CA THR B 97 -4.97 3.68 -9.21
C THR B 97 -4.29 4.93 -9.78
N GLY B 98 -3.07 4.75 -10.28
CA GLY B 98 -2.27 5.79 -10.93
C GLY B 98 -1.15 5.10 -11.67
N ALA B 99 -0.27 5.87 -12.36
CA ALA B 99 -0.34 7.33 -12.41
C ALA B 99 -0.76 7.74 -13.82
N VAL B 100 -1.55 8.80 -13.94
CA VAL B 100 -1.99 9.21 -15.27
C VAL B 100 -0.81 9.74 -16.07
N TYR B 101 -0.90 9.61 -17.39
CA TYR B 101 0.14 10.12 -18.28
C TYR B 101 -0.43 10.39 -19.67
ZN ZN C . -26.44 -6.25 13.46
#